data_1Q6Q
#
_entry.id   1Q6Q
#
_cell.length_a   123.182
_cell.length_b   41.727
_cell.length_c   92.125
_cell.angle_alpha   90.00
_cell.angle_beta   95.87
_cell.angle_gamma   90.00
#
_symmetry.space_group_name_H-M   'C 1 2 1'
#
loop_
_entity.id
_entity.type
_entity.pdbx_description
1 polymer '3-keto-L-gulonate 6-phosphate decarboxylase'
2 non-polymer 'MAGNESIUM ION'
3 non-polymer 'L-XYLITOL 5-PHOSPHATE'
4 water water
#
_entity_poly.entity_id   1
_entity_poly.type   'polypeptide(L)'
_entity_poly.pdbx_seq_one_letter_code
;MSLPMLQVALDNQTMDSAYETTRLIAEEVDIIEVGTILCVGEGVRAVRDLKALYPHKIVLADAKIADAGKILSRMCFEAN
ADWVTVICCADINTAKGALDVAKEFNGDVQIELTGYWTWEQAQQWRDAGIGQVVYHRSRDAQAAGVAWGEADITAIKRLS
DMGFKVTVTGGLALEDLPLFKGIPIHVFIAGRSIRDAASPVEAARQFKRSIAELWG
;
_entity_poly.pdbx_strand_id   A,B
#
loop_
_chem_comp.id
_chem_comp.type
_chem_comp.name
_chem_comp.formula
LXP non-polymer 'L-XYLITOL 5-PHOSPHATE' 'C5 H13 O8 P'
MG non-polymer 'MAGNESIUM ION' 'Mg 2'
#
# COMPACT_ATOMS: atom_id res chain seq x y z
N SER A 2 -6.18 -29.72 -0.17
CA SER A 2 -5.80 -30.50 1.04
C SER A 2 -6.31 -29.73 2.28
N LEU A 3 -5.55 -29.72 3.38
CA LEU A 3 -5.93 -28.95 4.56
C LEU A 3 -5.62 -27.46 4.31
N PRO A 4 -6.32 -26.54 4.97
CA PRO A 4 -5.87 -25.14 5.06
C PRO A 4 -4.41 -25.07 5.53
N MET A 5 -3.63 -24.28 4.80
CA MET A 5 -2.20 -24.08 5.12
C MET A 5 -2.10 -23.03 6.21
N LEU A 6 -0.95 -23.00 6.90
CA LEU A 6 -0.71 -22.00 7.94
C LEU A 6 0.38 -21.06 7.46
N GLN A 7 0.09 -19.79 7.63
CA GLN A 7 0.96 -18.70 7.25
C GLN A 7 1.34 -17.89 8.44
N VAL A 8 2.63 -17.55 8.58
CA VAL A 8 3.01 -16.61 9.61
C VAL A 8 3.28 -15.25 8.98
N ALA A 9 2.70 -14.20 9.55
CA ALA A 9 2.92 -12.82 9.14
C ALA A 9 4.11 -12.27 9.89
N LEU A 10 5.14 -11.89 9.16
CA LEU A 10 6.30 -11.17 9.74
C LEU A 10 6.12 -9.69 9.64
N ASP A 11 5.31 -9.15 10.53
CA ASP A 11 5.03 -7.72 10.59
C ASP A 11 6.05 -7.17 11.57
N ASN A 12 7.27 -7.14 11.12
CA ASN A 12 8.43 -6.71 11.90
C ASN A 12 9.12 -5.55 11.18
N GLN A 13 9.77 -4.64 11.91
CA GLN A 13 10.39 -3.50 11.29
C GLN A 13 11.76 -3.74 10.70
N THR A 14 12.46 -4.75 11.20
CA THR A 14 13.79 -5.09 10.75
C THR A 14 13.95 -6.60 10.55
N MET A 15 14.92 -6.96 9.73
CA MET A 15 15.17 -8.35 9.43
C MET A 15 15.50 -9.10 10.70
N ASP A 16 16.41 -8.57 11.51
CA ASP A 16 16.75 -9.29 12.75
C ASP A 16 15.58 -9.55 13.67
N SER A 17 14.64 -8.62 13.72
CA SER A 17 13.43 -8.86 14.52
C SER A 17 12.61 -10.01 13.89
N ALA A 18 12.46 -10.03 12.58
CA ALA A 18 11.76 -11.15 11.89
C ALA A 18 12.44 -12.49 12.22
N TYR A 19 13.76 -12.52 12.21
CA TYR A 19 14.50 -13.79 12.42
C TYR A 19 14.36 -14.35 13.83
N GLU A 20 14.10 -13.48 14.79
CA GLU A 20 13.71 -13.93 16.12
C GLU A 20 12.52 -14.84 16.06
N THR A 21 11.60 -14.59 15.12
CA THR A 21 10.46 -15.45 14.91
C THR A 21 10.78 -16.62 13.98
N THR A 22 11.38 -16.36 12.81
CA THR A 22 11.58 -17.44 11.87
C THR A 22 12.48 -18.56 12.37
N ARG A 23 13.44 -18.22 13.22
CA ARG A 23 14.33 -19.22 13.79
C ARG A 23 13.61 -20.17 14.76
N LEU A 24 12.49 -19.74 15.28
CA LEU A 24 11.63 -20.60 16.12
C LEU A 24 10.67 -21.38 15.23
N ILE A 25 9.99 -20.70 14.28
CA ILE A 25 8.84 -21.35 13.64
C ILE A 25 8.87 -21.58 12.12
N ALA A 26 9.99 -21.36 11.41
CA ALA A 26 9.94 -21.42 9.95
C ALA A 26 9.52 -22.82 9.47
N GLU A 27 9.96 -23.86 10.18
CA GLU A 27 9.64 -25.23 9.79
C GLU A 27 8.27 -25.65 10.30
N GLU A 28 7.61 -24.78 11.05
CA GLU A 28 6.33 -25.08 11.70
C GLU A 28 5.14 -24.54 10.90
N VAL A 29 5.44 -23.88 9.78
CA VAL A 29 4.45 -23.24 8.93
C VAL A 29 4.64 -23.59 7.48
N ASP A 30 3.64 -23.24 6.67
CA ASP A 30 3.74 -23.47 5.25
C ASP A 30 4.17 -22.31 4.39
N ILE A 31 3.80 -21.13 4.86
CA ILE A 31 3.99 -19.89 4.13
C ILE A 31 4.60 -18.88 5.06
N ILE A 32 5.66 -18.23 4.59
CA ILE A 32 6.28 -17.11 5.30
C ILE A 32 5.91 -15.83 4.62
N GLU A 33 5.21 -14.95 5.34
CA GLU A 33 4.84 -13.66 4.83
C GLU A 33 5.87 -12.59 5.27
N VAL A 34 6.29 -11.81 4.30
CA VAL A 34 6.98 -10.57 4.51
C VAL A 34 5.86 -9.55 4.66
N GLY A 35 5.56 -9.15 5.88
CA GLY A 35 4.47 -8.25 6.15
C GLY A 35 4.72 -6.91 5.54
N THR A 36 3.64 -6.15 5.45
CA THR A 36 3.72 -4.81 4.89
C THR A 36 4.71 -3.95 5.69
N ILE A 37 4.71 -4.13 7.02
CA ILE A 37 5.59 -3.39 7.90
C ILE A 37 7.05 -3.72 7.59
N LEU A 38 7.33 -4.98 7.26
CA LEU A 38 8.70 -5.40 6.92
C LEU A 38 9.09 -4.89 5.55
N CYS A 39 8.16 -4.92 4.60
CA CYS A 39 8.37 -4.35 3.25
C CYS A 39 8.76 -2.88 3.34
N VAL A 40 8.06 -2.15 4.18
CA VAL A 40 8.32 -0.74 4.34
C VAL A 40 9.59 -0.49 5.18
N GLY A 41 9.87 -1.37 6.13
CA GLY A 41 11.01 -1.23 7.00
C GLY A 41 12.30 -1.45 6.28
N GLU A 42 12.34 -2.57 5.54
CA GLU A 42 13.58 -3.03 4.93
C GLU A 42 13.61 -2.98 3.41
N GLY A 43 12.43 -2.91 2.76
CA GLY A 43 12.33 -3.02 1.32
C GLY A 43 12.46 -4.45 0.84
N VAL A 44 12.50 -4.64 -0.47
CA VAL A 44 12.42 -5.98 -1.05
C VAL A 44 13.55 -6.91 -0.70
N ARG A 45 14.65 -6.38 -0.15
CA ARG A 45 15.70 -7.27 0.34
C ARG A 45 15.09 -8.27 1.30
N ALA A 46 14.03 -7.91 1.98
CA ALA A 46 13.41 -8.81 2.97
C ALA A 46 12.88 -10.07 2.31
N VAL A 47 12.29 -9.90 1.15
CA VAL A 47 11.79 -10.98 0.33
C VAL A 47 12.94 -11.87 -0.15
N ARG A 48 13.98 -11.24 -0.67
CA ARG A 48 15.13 -11.96 -1.24
C ARG A 48 15.83 -12.79 -0.14
N ASP A 49 16.06 -12.17 1.03
CA ASP A 49 16.75 -12.80 2.13
C ASP A 49 15.93 -13.94 2.69
N LEU A 50 14.63 -13.73 2.89
CA LEU A 50 13.79 -14.78 3.45
C LEU A 50 13.58 -15.97 2.50
N LYS A 51 13.44 -15.73 1.20
CA LYS A 51 13.41 -16.86 0.27
C LYS A 51 14.71 -17.63 0.22
N ALA A 52 15.86 -16.95 0.33
CA ALA A 52 17.13 -17.61 0.33
C ALA A 52 17.26 -18.50 1.57
N LEU A 53 16.77 -18.03 2.72
CA LEU A 53 16.80 -18.83 3.94
C LEU A 53 15.87 -20.04 3.89
N TYR A 54 14.71 -19.83 3.31
CA TYR A 54 13.58 -20.78 3.34
C TYR A 54 13.05 -21.06 1.92
N PRO A 55 13.89 -21.56 1.05
CA PRO A 55 13.52 -21.69 -0.38
C PRO A 55 12.40 -22.73 -0.58
N HIS A 56 12.28 -23.64 0.35
CA HIS A 56 11.26 -24.69 0.34
C HIS A 56 9.91 -24.27 0.86
N LYS A 57 9.80 -23.04 1.37
CA LYS A 57 8.52 -22.45 1.80
C LYS A 57 8.01 -21.44 0.74
N ILE A 58 6.69 -21.27 0.72
CA ILE A 58 6.07 -20.21 -0.06
C ILE A 58 6.34 -18.89 0.65
N VAL A 59 6.83 -17.91 -0.10
CA VAL A 59 7.09 -16.57 0.42
C VAL A 59 6.12 -15.62 -0.23
N LEU A 60 5.35 -14.97 0.64
CA LEU A 60 4.31 -14.02 0.27
C LEU A 60 4.80 -12.66 0.62
N ALA A 61 4.88 -11.76 -0.37
CA ALA A 61 5.24 -10.36 -0.13
C ALA A 61 3.93 -9.59 0.03
N ASP A 62 3.62 -9.19 1.25
CA ASP A 62 2.37 -8.47 1.56
C ASP A 62 2.56 -6.95 1.27
N ALA A 63 2.80 -6.63 0.00
CA ALA A 63 3.11 -5.28 -0.45
C ALA A 63 1.90 -4.40 -0.58
N LYS A 64 0.71 -5.00 -0.69
CA LYS A 64 -0.53 -4.19 -0.78
C LYS A 64 -0.43 -3.18 -1.95
N ILE A 65 -0.01 -3.68 -3.08
CA ILE A 65 0.17 -2.91 -4.30
C ILE A 65 -1.13 -2.19 -4.67
N ALA A 66 -1.07 -0.87 -4.82
CA ALA A 66 -2.24 -0.05 -5.10
C ALA A 66 -2.21 0.61 -6.48
N ASP A 67 -1.04 0.63 -7.11
CA ASP A 67 -0.84 1.31 -8.40
C ASP A 67 0.50 0.84 -8.91
N ALA A 68 0.80 1.00 -10.22
CA ALA A 68 2.05 0.64 -10.79
C ALA A 68 2.25 -0.85 -10.62
N GLY A 69 1.21 -1.60 -10.99
CA GLY A 69 1.20 -3.04 -10.75
C GLY A 69 2.35 -3.81 -11.37
N LYS A 70 2.67 -3.53 -12.62
CA LYS A 70 3.76 -4.17 -13.30
C LYS A 70 5.12 -3.89 -12.63
N ILE A 71 5.37 -2.64 -12.27
CA ILE A 71 6.68 -2.28 -11.68
C ILE A 71 6.86 -2.92 -10.30
N LEU A 72 5.89 -2.70 -9.41
CA LEU A 72 6.01 -3.20 -8.04
C LEU A 72 5.95 -4.72 -8.01
N SER A 73 5.09 -5.36 -8.81
CA SER A 73 5.11 -6.84 -8.83
C SER A 73 6.45 -7.36 -9.31
N ARG A 74 6.98 -6.78 -10.37
CA ARG A 74 8.28 -7.23 -10.86
C ARG A 74 9.40 -7.10 -9.80
N MET A 75 9.38 -6.04 -9.05
CA MET A 75 10.40 -5.85 -8.01
C MET A 75 10.29 -7.00 -7.00
N CYS A 76 9.04 -7.34 -6.60
CA CYS A 76 8.85 -8.43 -5.64
C CYS A 76 9.27 -9.76 -6.22
N PHE A 77 8.84 -10.07 -7.47
CA PHE A 77 9.18 -11.34 -8.13
C PHE A 77 10.65 -11.53 -8.54
N GLU A 78 11.33 -10.44 -8.85
CA GLU A 78 12.77 -10.44 -9.05
C GLU A 78 13.53 -10.71 -7.74
N ALA A 79 12.90 -10.41 -6.62
CA ALA A 79 13.38 -10.76 -5.28
C ALA A 79 12.95 -12.11 -4.82
N ASN A 80 12.32 -12.89 -5.70
CA ASN A 80 12.01 -14.31 -5.56
C ASN A 80 10.76 -14.59 -4.72
N ALA A 81 9.90 -13.58 -4.61
CA ALA A 81 8.58 -13.83 -4.06
C ALA A 81 7.85 -14.92 -4.84
N ASP A 82 7.05 -15.70 -4.12
CA ASP A 82 6.11 -16.62 -4.76
C ASP A 82 4.78 -15.96 -5.03
N TRP A 83 4.29 -15.22 -4.04
CA TRP A 83 3.00 -14.55 -4.13
C TRP A 83 3.14 -13.11 -3.71
N VAL A 84 2.30 -12.25 -4.32
CA VAL A 84 2.17 -10.86 -3.90
C VAL A 84 0.75 -10.46 -3.66
N THR A 85 0.57 -9.41 -2.87
CA THR A 85 -0.77 -8.88 -2.65
C THR A 85 -0.99 -7.57 -3.39
N VAL A 86 -2.22 -7.42 -3.92
CA VAL A 86 -2.73 -6.18 -4.49
C VAL A 86 -3.97 -5.81 -3.73
N ILE A 87 -4.08 -4.55 -3.36
CA ILE A 87 -5.21 -4.08 -2.58
C ILE A 87 -6.46 -3.97 -3.49
N CYS A 88 -7.62 -4.31 -2.91
CA CYS A 88 -8.89 -4.36 -3.66
C CYS A 88 -9.29 -3.02 -4.29
N CYS A 89 -8.90 -1.88 -3.71
CA CYS A 89 -9.27 -0.60 -4.34
C CYS A 89 -8.34 -0.16 -5.45
N ALA A 90 -7.33 -0.97 -5.80
CA ALA A 90 -6.54 -0.71 -7.00
C ALA A 90 -7.43 -0.79 -8.24
N ASP A 91 -7.07 -0.01 -9.26
CA ASP A 91 -7.63 -0.21 -10.57
C ASP A 91 -7.54 -1.67 -10.99
N ILE A 92 -8.55 -2.18 -11.69
CA ILE A 92 -8.43 -3.53 -12.22
C ILE A 92 -7.20 -3.78 -13.05
N ASN A 93 -6.70 -2.77 -13.77
CA ASN A 93 -5.50 -2.93 -14.57
C ASN A 93 -4.20 -3.05 -13.76
N THR A 94 -4.25 -2.59 -12.51
CA THR A 94 -3.17 -2.84 -11.56
C THR A 94 -3.09 -4.31 -11.22
N ALA A 95 -4.24 -4.90 -10.86
CA ALA A 95 -4.32 -6.33 -10.67
C ALA A 95 -3.90 -7.12 -11.88
N LYS A 96 -4.37 -6.73 -13.08
CA LYS A 96 -4.05 -7.49 -14.25
C LYS A 96 -2.58 -7.40 -14.55
N GLY A 97 -2.01 -6.23 -14.31
CA GLY A 97 -0.61 -6.01 -14.64
C GLY A 97 0.28 -6.84 -13.73
N ALA A 98 -0.05 -6.86 -12.44
CA ALA A 98 0.67 -7.70 -11.47
C ALA A 98 0.57 -9.17 -11.76
N LEU A 99 -0.61 -9.63 -12.16
CA LEU A 99 -0.81 -11.02 -12.60
C LEU A 99 -0.01 -11.44 -13.81
N ASP A 100 0.08 -10.58 -14.84
CA ASP A 100 0.88 -10.84 -16.02
C ASP A 100 2.32 -11.06 -15.64
N VAL A 101 2.83 -10.23 -14.74
CA VAL A 101 4.22 -10.39 -14.30
C VAL A 101 4.37 -11.71 -13.49
N ALA A 102 3.44 -11.95 -12.56
CA ALA A 102 3.47 -13.12 -11.72
C ALA A 102 3.63 -14.34 -12.61
N LYS A 103 2.86 -14.39 -13.69
CA LYS A 103 2.91 -15.58 -14.57
C LYS A 103 4.26 -15.80 -15.20
N GLU A 104 4.98 -14.74 -15.51
CA GLU A 104 6.40 -14.89 -15.93
C GLU A 104 7.31 -15.61 -14.95
N PHE A 105 7.05 -15.44 -13.65
CA PHE A 105 7.85 -16.03 -12.60
C PHE A 105 7.25 -17.28 -11.90
N ASN A 106 6.21 -17.83 -12.51
CA ASN A 106 5.44 -18.92 -11.94
C ASN A 106 4.90 -18.60 -10.55
N GLY A 107 4.55 -17.33 -10.34
CA GLY A 107 4.03 -16.87 -9.08
C GLY A 107 2.54 -16.62 -9.17
N ASP A 108 2.02 -15.88 -8.18
CA ASP A 108 0.58 -15.63 -8.09
C ASP A 108 0.29 -14.32 -7.37
N VAL A 109 -0.92 -13.81 -7.58
CA VAL A 109 -1.38 -12.57 -7.01
C VAL A 109 -2.62 -12.87 -6.16
N GLN A 110 -2.67 -12.24 -4.98
CA GLN A 110 -3.84 -12.27 -4.12
C GLN A 110 -4.41 -10.85 -4.05
N ILE A 111 -5.73 -10.75 -4.08
CA ILE A 111 -6.39 -9.47 -3.77
C ILE A 111 -6.70 -9.36 -2.29
N GLU A 112 -6.18 -8.31 -1.65
CA GLU A 112 -6.49 -8.02 -0.25
C GLU A 112 -7.85 -7.32 -0.15
N LEU A 113 -8.78 -7.92 0.57
CA LEU A 113 -10.13 -7.42 0.69
C LEU A 113 -10.22 -6.58 1.96
N THR A 114 -10.38 -5.29 1.78
CA THR A 114 -10.44 -4.35 2.89
C THR A 114 -11.56 -3.32 2.75
N GLY A 115 -12.39 -3.23 3.79
CA GLY A 115 -13.44 -2.23 3.85
C GLY A 115 -14.36 -2.40 2.67
N TYR A 116 -14.55 -1.36 1.85
CA TYR A 116 -15.54 -1.39 0.78
C TYR A 116 -14.95 -2.05 -0.45
N TRP A 117 -15.64 -3.07 -0.89
CA TRP A 117 -15.42 -3.68 -2.16
C TRP A 117 -16.79 -4.26 -2.54
N THR A 118 -16.98 -4.62 -3.79
CA THR A 118 -18.27 -5.16 -4.28
C THR A 118 -18.17 -6.53 -4.89
N TRP A 119 -19.32 -7.20 -4.99
CA TRP A 119 -19.38 -8.48 -5.67
C TRP A 119 -19.15 -8.31 -7.17
N GLU A 120 -19.42 -7.12 -7.70
CA GLU A 120 -19.19 -6.86 -9.11
C GLU A 120 -17.66 -6.79 -9.31
N GLN A 121 -16.94 -6.17 -8.38
CA GLN A 121 -15.47 -6.21 -8.47
C GLN A 121 -14.95 -7.65 -8.37
N ALA A 122 -15.58 -8.48 -7.52
CA ALA A 122 -15.08 -9.81 -7.27
C ALA A 122 -15.20 -10.61 -8.55
N GLN A 123 -16.31 -10.37 -9.28
CA GLN A 123 -16.45 -10.99 -10.55
C GLN A 123 -15.44 -10.46 -11.56
N GLN A 124 -15.12 -9.17 -11.51
CA GLN A 124 -14.05 -8.61 -12.34
C GLN A 124 -12.76 -9.37 -12.10
N TRP A 125 -12.46 -9.67 -10.85
CA TRP A 125 -11.19 -10.35 -10.50
C TRP A 125 -11.14 -11.76 -11.06
N ARG A 126 -12.23 -12.52 -10.92
CA ARG A 126 -12.27 -13.86 -11.54
C ARG A 126 -12.08 -13.82 -13.04
N ASP A 127 -12.79 -12.89 -13.70
CA ASP A 127 -12.74 -12.75 -15.17
C ASP A 127 -11.30 -12.46 -15.65
N ALA A 128 -10.55 -11.76 -14.81
CA ALA A 128 -9.13 -11.43 -15.03
C ALA A 128 -8.14 -12.56 -14.72
N GLY A 129 -8.64 -13.61 -14.09
CA GLY A 129 -7.88 -14.79 -13.83
C GLY A 129 -7.24 -14.77 -12.46
N ILE A 130 -7.73 -13.89 -11.61
CA ILE A 130 -7.36 -13.87 -10.19
C ILE A 130 -8.00 -15.01 -9.49
N GLY A 131 -7.21 -15.83 -8.79
CA GLY A 131 -7.75 -16.95 -8.07
C GLY A 131 -7.55 -17.03 -6.59
N GLN A 132 -7.01 -15.96 -6.02
CA GLN A 132 -6.82 -15.86 -4.58
C GLN A 132 -7.32 -14.54 -4.07
N VAL A 133 -8.03 -14.58 -2.94
CA VAL A 133 -8.38 -13.37 -2.20
C VAL A 133 -8.05 -13.56 -0.74
N VAL A 134 -7.70 -12.49 -0.08
CA VAL A 134 -7.48 -12.45 1.34
C VAL A 134 -8.60 -11.69 2.05
N TYR A 135 -9.43 -12.42 2.80
CA TYR A 135 -10.45 -11.84 3.64
C TYR A 135 -9.80 -11.30 4.91
N HIS A 136 -9.60 -9.98 4.93
CA HIS A 136 -8.53 -9.27 5.77
C HIS A 136 -9.22 -8.32 6.72
N ARG A 137 -9.47 -8.76 7.96
CA ARG A 137 -10.01 -7.88 8.97
C ARG A 137 -8.93 -6.92 9.41
N SER A 138 -9.18 -5.62 9.28
CA SER A 138 -8.25 -4.60 9.75
C SER A 138 -7.97 -4.62 11.27
N ARG A 139 -6.72 -4.48 11.64
CA ARG A 139 -6.40 -4.43 13.05
C ARG A 139 -6.85 -3.14 13.67
N ASP A 140 -7.00 -2.09 12.85
CA ASP A 140 -7.40 -0.79 13.35
C ASP A 140 -8.89 -0.75 13.62
N ALA A 141 -9.62 -1.58 12.87
CA ALA A 141 -11.03 -1.83 13.12
C ALA A 141 -11.11 -2.71 14.38
N GLN A 142 -10.34 -3.80 14.40
CA GLN A 142 -10.32 -4.75 15.54
C GLN A 142 -9.90 -4.09 16.86
N ALA A 143 -8.82 -3.30 16.83
CA ALA A 143 -8.45 -2.41 17.95
C ALA A 143 -9.65 -1.57 18.47
N ALA A 144 -10.56 -1.21 17.56
CA ALA A 144 -11.86 -0.62 17.94
C ALA A 144 -12.86 -1.75 18.13
N VAL A 146 -14.26 -4.42 16.46
CA VAL A 146 -14.91 -5.27 15.46
C VAL A 146 -14.46 -6.73 15.67
N ALA A 147 -15.43 -7.64 15.88
CA ALA A 147 -15.19 -9.09 16.07
C ALA A 147 -15.52 -9.90 14.78
N TRP A 148 -15.40 -11.25 14.81
CA TRP A 148 -15.80 -12.09 13.63
C TRP A 148 -17.28 -12.29 13.82
N GLY A 149 -17.98 -12.60 12.72
CA GLY A 149 -19.42 -12.85 12.75
C GLY A 149 -19.98 -13.56 11.52
N GLU A 150 -21.28 -13.85 11.54
CA GLU A 150 -21.89 -14.64 10.45
C GLU A 150 -21.81 -13.97 9.09
N ALA A 151 -21.81 -12.65 9.05
CA ALA A 151 -21.70 -11.88 7.80
C ALA A 151 -20.33 -12.13 7.13
N ASP A 152 -19.31 -12.33 7.97
CA ASP A 152 -17.98 -12.72 7.48
C ASP A 152 -18.00 -14.12 6.89
N ILE A 153 -18.61 -15.06 7.61
CA ILE A 153 -18.72 -16.43 7.16
C ILE A 153 -19.49 -16.51 5.85
N THR A 154 -20.53 -15.68 5.76
CA THR A 154 -21.38 -15.69 4.58
C THR A 154 -20.59 -15.21 3.34
N ALA A 155 -19.86 -14.12 3.55
CA ALA A 155 -19.01 -13.53 2.51
C ALA A 155 -17.89 -14.49 2.04
N ILE A 156 -17.25 -15.14 2.99
CA ILE A 156 -16.19 -16.12 2.73
C ILE A 156 -16.73 -17.30 1.92
N LYS A 157 -17.89 -17.83 2.30
CA LYS A 157 -18.46 -18.91 1.50
C LYS A 157 -18.79 -18.49 0.06
N ARG A 158 -19.32 -17.29 -0.11
CA ARG A 158 -19.66 -16.78 -1.42
C ARG A 158 -18.40 -16.60 -2.29
N LEU A 159 -17.31 -16.10 -1.69
CA LEU A 159 -16.06 -15.98 -2.42
C LEU A 159 -15.55 -17.34 -2.86
N SER A 160 -15.65 -18.28 -1.95
CA SER A 160 -15.17 -19.62 -2.25
C SER A 160 -16.00 -20.21 -3.42
N ASP A 161 -17.30 -19.96 -3.39
CA ASP A 161 -18.23 -20.52 -4.38
C ASP A 161 -17.92 -19.94 -5.79
N MET A 162 -17.43 -18.70 -5.81
CA MET A 162 -17.05 -17.99 -7.02
C MET A 162 -15.79 -18.52 -7.65
N GLY A 163 -15.08 -19.36 -6.89
CA GLY A 163 -13.90 -20.07 -7.35
C GLY A 163 -12.58 -19.50 -6.80
N PHE A 164 -12.67 -18.56 -5.88
CA PHE A 164 -11.46 -18.07 -5.19
C PHE A 164 -10.97 -19.06 -4.18
N LYS A 165 -9.66 -19.17 -4.07
CA LYS A 165 -9.01 -19.73 -2.89
C LYS A 165 -8.89 -18.64 -1.87
N VAL A 166 -9.50 -18.84 -0.70
CA VAL A 166 -9.72 -17.78 0.26
C VAL A 166 -8.73 -17.94 1.41
N THR A 167 -8.03 -16.85 1.71
CA THR A 167 -7.24 -16.72 2.93
C THR A 167 -8.02 -15.93 3.98
N VAL A 168 -7.93 -16.37 5.23
CA VAL A 168 -8.56 -15.73 6.35
C VAL A 168 -7.52 -15.24 7.29
N THR A 169 -7.66 -13.98 7.68
CA THR A 169 -6.70 -13.30 8.52
C THR A 169 -7.22 -12.02 9.17
N GLY A 170 -6.53 -11.63 10.23
CA GLY A 170 -6.70 -10.35 10.86
C GLY A 170 -7.00 -10.58 12.32
N GLY A 171 -5.96 -10.53 13.14
CA GLY A 171 -6.06 -10.87 14.56
C GLY A 171 -6.60 -12.26 14.88
N LEU A 172 -6.34 -13.23 14.01
CA LEU A 172 -6.80 -14.59 14.24
C LEU A 172 -6.18 -15.22 15.48
N ALA A 173 -7.03 -15.87 16.24
CA ALA A 173 -6.66 -16.61 17.45
C ALA A 173 -7.01 -18.07 17.23
N LEU A 174 -6.34 -18.96 17.93
CA LEU A 174 -6.60 -20.37 17.86
C LEU A 174 -8.09 -20.70 17.96
N GLU A 175 -8.76 -20.05 18.90
CA GLU A 175 -10.15 -20.34 19.24
C GLU A 175 -11.13 -19.95 18.14
N ASP A 176 -10.66 -19.16 17.18
CA ASP A 176 -11.48 -18.70 16.06
C ASP A 176 -11.68 -19.73 15.02
N LEU A 177 -10.79 -20.71 14.93
CA LEU A 177 -10.81 -21.64 13.81
C LEU A 177 -12.15 -22.34 13.58
N PRO A 178 -12.78 -22.88 14.63
CA PRO A 178 -14.03 -23.64 14.44
C PRO A 178 -15.12 -22.89 13.71
N LEU A 179 -15.13 -21.57 13.77
CA LEU A 179 -16.08 -20.77 13.00
C LEU A 179 -16.11 -21.08 11.50
N PHE A 180 -14.96 -21.42 10.92
CA PHE A 180 -14.79 -21.61 9.49
C PHE A 180 -14.92 -23.06 9.05
N LYS A 181 -15.31 -23.95 9.97
CA LYS A 181 -15.44 -25.37 9.67
C LYS A 181 -16.37 -25.60 8.48
N GLY A 182 -16.01 -26.54 7.61
CA GLY A 182 -16.83 -26.89 6.46
C GLY A 182 -16.49 -26.11 5.20
N ILE A 183 -15.76 -25.00 5.34
CA ILE A 183 -15.41 -24.11 4.23
C ILE A 183 -14.00 -24.48 3.81
N PRO A 184 -13.74 -24.69 2.52
CA PRO A 184 -12.40 -25.04 2.03
C PRO A 184 -11.36 -23.89 2.09
N ILE A 185 -11.09 -23.40 3.28
CA ILE A 185 -10.16 -22.27 3.48
C ILE A 185 -8.79 -22.65 2.89
N HIS A 186 -8.22 -21.78 2.07
CA HIS A 186 -6.91 -22.05 1.49
C HIS A 186 -5.77 -21.87 2.53
N VAL A 187 -5.84 -20.77 3.26
CA VAL A 187 -4.80 -20.38 4.22
C VAL A 187 -5.36 -19.66 5.40
N PHE A 188 -4.90 -20.00 6.61
CA PHE A 188 -5.10 -19.15 7.76
C PHE A 188 -3.78 -18.45 8.07
N ILE A 189 -3.80 -17.14 8.27
CA ILE A 189 -2.61 -16.36 8.69
C ILE A 189 -2.68 -16.05 10.17
N ALA A 190 -1.56 -16.29 10.86
CA ALA A 190 -1.36 -15.79 12.19
C ALA A 190 -0.09 -14.95 12.28
N GLY A 191 -0.26 -13.74 12.74
CA GLY A 191 0.87 -12.85 12.99
C GLY A 191 1.13 -12.82 14.48
N ARG A 192 0.53 -11.84 15.13
CA ARG A 192 0.68 -11.64 16.58
C ARG A 192 0.44 -12.93 17.37
N SER A 193 -0.58 -13.69 17.01
CA SER A 193 -0.95 -14.85 17.83
C SER A 193 0.10 -15.97 17.79
N ILE A 194 1.06 -15.90 16.86
CA ILE A 194 2.25 -16.77 16.85
C ILE A 194 3.46 -16.00 17.40
N ARG A 195 3.76 -14.83 16.83
CA ARG A 195 4.99 -14.12 17.17
C ARG A 195 5.05 -13.78 18.66
N ASP A 196 3.93 -13.34 19.18
CA ASP A 196 3.89 -12.77 20.51
C ASP A 196 3.49 -13.81 21.56
N ALA A 197 3.34 -15.05 21.17
CA ALA A 197 2.96 -16.12 22.12
C ALA A 197 4.14 -16.33 23.09
N ALA A 198 3.81 -16.76 24.31
CA ALA A 198 4.84 -17.17 25.26
C ALA A 198 5.78 -18.21 24.63
N SER A 199 5.20 -19.16 23.92
CA SER A 199 5.90 -20.14 23.10
C SER A 199 5.38 -20.14 21.67
N PRO A 200 6.06 -19.39 20.79
CA PRO A 200 5.69 -19.39 19.37
C PRO A 200 5.62 -20.75 18.74
N VAL A 201 6.51 -21.65 19.16
CA VAL A 201 6.46 -22.98 18.60
C VAL A 201 5.17 -23.72 19.01
N GLU A 202 4.78 -23.57 20.26
CA GLU A 202 3.56 -24.19 20.78
C GLU A 202 2.38 -23.59 20.00
N ALA A 203 2.35 -22.27 19.90
CA ALA A 203 1.27 -21.59 19.15
C ALA A 203 1.11 -22.10 17.73
N ALA A 204 2.20 -22.20 16.97
CA ALA A 204 2.06 -22.69 15.60
C ALA A 204 1.54 -24.12 15.59
N ARG A 205 2.05 -24.93 16.49
CA ARG A 205 1.65 -26.34 16.50
C ARG A 205 0.17 -26.51 16.88
N GLN A 206 -0.33 -25.64 17.74
CA GLN A 206 -1.76 -25.64 18.12
C GLN A 206 -2.64 -25.30 16.91
N PHE A 207 -2.24 -24.29 16.14
CA PHE A 207 -2.94 -23.98 14.90
C PHE A 207 -2.95 -25.17 13.97
N LYS A 208 -1.80 -25.78 13.72
CA LYS A 208 -1.75 -26.91 12.79
C LYS A 208 -2.57 -28.11 13.31
N ARG A 209 -2.60 -28.29 14.62
CA ARG A 209 -3.30 -29.41 15.25
C ARG A 209 -4.80 -29.20 15.06
N SER A 210 -5.28 -27.99 15.40
CA SER A 210 -6.69 -27.64 15.27
C SER A 210 -7.13 -27.75 13.81
N ILE A 211 -6.34 -27.23 12.87
CA ILE A 211 -6.71 -27.33 11.45
C ILE A 211 -6.85 -28.78 11.01
N ALA A 212 -5.94 -29.62 11.46
CA ALA A 212 -5.94 -31.01 11.07
C ALA A 212 -7.21 -31.71 11.59
N GLU A 213 -7.64 -31.32 12.78
CA GLU A 213 -8.78 -31.88 13.48
C GLU A 213 -10.06 -31.41 12.80
N LEU A 214 -10.19 -30.10 12.58
CA LEU A 214 -11.37 -29.50 11.96
C LEU A 214 -11.55 -29.81 10.49
N TRP A 215 -10.46 -30.00 9.75
CA TRP A 215 -10.49 -30.34 8.32
C TRP A 215 -10.01 -31.77 8.14
N SER B 2 -0.91 31.02 -2.70
CA SER B 2 -1.84 30.69 -3.81
C SER B 2 -1.29 29.95 -5.06
N LEU B 3 0.00 30.05 -5.43
CA LEU B 3 0.53 29.25 -6.56
C LEU B 3 0.55 27.80 -6.13
N PRO B 4 0.03 26.92 -6.95
CA PRO B 4 0.29 25.50 -6.72
C PRO B 4 1.79 25.23 -6.59
N MET B 5 2.14 24.40 -5.60
CA MET B 5 3.53 24.01 -5.39
C MET B 5 3.81 22.80 -6.30
N LEU B 6 5.09 22.54 -6.51
CA LEU B 6 5.60 21.40 -7.30
C LEU B 6 6.29 20.36 -6.42
N GLN B 7 5.86 19.13 -6.62
CA GLN B 7 6.38 18.00 -5.91
C GLN B 7 6.97 17.04 -6.95
N VAL B 8 8.17 16.56 -6.68
CA VAL B 8 8.74 15.49 -7.47
C VAL B 8 8.55 14.15 -6.83
N ALA B 9 8.00 13.21 -7.56
CA ALA B 9 7.85 11.87 -7.12
C ALA B 9 9.10 11.04 -7.45
N LEU B 10 9.79 10.56 -6.43
CA LEU B 10 10.92 9.66 -6.61
C LEU B 10 10.44 8.21 -6.56
N ASP B 11 9.88 7.76 -7.67
CA ASP B 11 9.48 6.38 -7.87
C ASP B 11 10.61 5.57 -8.46
N ASN B 12 11.70 5.53 -7.76
CA ASN B 12 12.94 4.93 -8.20
C ASN B 12 13.10 3.69 -7.38
N GLN B 13 13.76 2.66 -7.91
CA GLN B 13 13.97 1.42 -7.19
C GLN B 13 15.06 1.41 -6.14
N THR B 14 16.08 2.27 -6.31
CA THR B 14 17.21 2.34 -5.40
C THR B 14 17.53 3.81 -5.11
N MET B 15 18.24 4.03 -4.03
CA MET B 15 18.54 5.40 -3.58
C MET B 15 19.44 6.07 -4.63
N ASP B 16 20.38 5.35 -5.23
CA ASP B 16 21.32 6.00 -6.12
C ASP B 16 20.58 6.49 -7.38
N SER B 17 19.55 5.73 -7.84
CA SER B 17 18.72 6.23 -8.96
C SER B 17 17.98 7.53 -8.55
N ALA B 18 17.39 7.54 -7.34
CA ALA B 18 16.76 8.73 -6.81
C ALA B 18 17.68 9.91 -6.77
N TYR B 19 18.91 9.69 -6.36
CA TYR B 19 19.86 10.78 -6.24
C TYR B 19 20.29 11.35 -7.60
N GLU B 20 20.26 10.54 -8.66
CA GLU B 20 20.47 11.07 -10.04
C GLU B 20 19.47 12.14 -10.38
N THR B 21 18.24 12.02 -9.85
CA THR B 21 17.28 13.06 -9.98
C THR B 21 17.44 14.18 -8.94
N THR B 22 17.53 13.86 -7.64
CA THR B 22 17.52 14.96 -6.66
C THR B 22 18.73 15.89 -6.79
N ARG B 23 19.89 15.37 -7.15
CA ARG B 23 21.10 16.21 -7.30
C ARG B 23 20.86 17.31 -8.34
N LEU B 24 19.94 17.07 -9.25
CA LEU B 24 19.59 18.06 -10.27
C LEU B 24 18.46 18.98 -9.83
N ILE B 25 17.39 18.44 -9.23
CA ILE B 25 16.19 19.23 -9.08
C ILE B 25 15.78 19.49 -7.62
N ALA B 26 16.56 19.07 -6.62
CA ALA B 26 16.10 19.27 -5.23
C ALA B 26 15.74 20.73 -4.95
N GLU B 27 16.45 21.67 -5.54
CA GLU B 27 16.20 23.09 -5.28
C GLU B 27 15.34 23.76 -6.36
N GLU B 28 14.77 22.94 -7.24
CA GLU B 28 13.90 23.44 -8.29
C GLU B 28 12.46 23.02 -8.01
N VAL B 29 12.21 22.28 -6.94
CA VAL B 29 10.88 21.82 -6.55
C VAL B 29 10.65 22.15 -5.05
N ASP B 30 9.39 22.06 -4.60
CA ASP B 30 9.03 22.36 -3.22
C ASP B 30 9.02 21.16 -2.30
N ILE B 31 8.58 20.03 -2.81
CA ILE B 31 8.36 18.84 -2.02
C ILE B 31 9.06 17.68 -2.67
N ILE B 32 9.79 16.92 -1.86
CA ILE B 32 10.43 15.70 -2.30
C ILE B 32 9.64 14.53 -1.80
N GLU B 33 9.07 13.77 -2.73
CA GLU B 33 8.34 12.57 -2.43
C GLU B 33 9.27 11.34 -2.55
N VAL B 34 9.34 10.57 -1.44
CA VAL B 34 9.79 9.23 -1.43
C VAL B 34 8.68 8.40 -1.98
N GLY B 35 8.81 8.04 -3.25
CA GLY B 35 7.71 7.30 -3.86
C GLY B 35 7.50 5.91 -3.24
N THR B 36 6.29 5.41 -3.41
CA THR B 36 5.95 4.10 -3.01
C THR B 36 6.96 3.05 -3.49
N ILE B 37 7.44 3.20 -4.75
CA ILE B 37 8.37 2.27 -5.36
C ILE B 37 9.73 2.35 -4.69
N LEU B 38 10.10 3.53 -4.23
CA LEU B 38 11.34 3.67 -3.48
C LEU B 38 11.19 3.11 -2.06
N CYS B 39 10.05 3.30 -1.44
CA CYS B 39 9.78 2.76 -0.08
C CYS B 39 9.89 1.25 -0.16
N VAL B 40 9.33 0.65 -1.20
CA VAL B 40 9.40 -0.81 -1.31
C VAL B 40 10.76 -1.29 -1.73
N GLY B 41 11.49 -0.51 -2.50
CA GLY B 41 12.81 -0.91 -2.96
C GLY B 41 13.84 -0.87 -1.83
N GLU B 42 13.79 0.23 -1.06
CA GLU B 42 14.87 0.50 -0.09
C GLU B 42 14.41 0.51 1.35
N GLY B 43 13.12 0.55 1.59
CA GLY B 43 12.60 0.75 2.91
C GLY B 43 12.73 2.18 3.40
N VAL B 44 12.43 2.35 4.68
CA VAL B 44 12.24 3.65 5.26
C VAL B 44 13.55 4.42 5.45
N ARG B 45 14.67 3.75 5.25
CA ARG B 45 15.95 4.46 5.18
C ARG B 45 15.88 5.53 4.07
N ALA B 46 15.06 5.29 3.06
CA ALA B 46 14.97 6.28 1.94
C ALA B 46 14.51 7.65 2.48
N VAL B 47 13.52 7.60 3.38
CA VAL B 47 13.01 8.79 4.04
C VAL B 47 14.10 9.50 4.89
N ARG B 48 14.75 8.74 5.74
CA ARG B 48 15.77 9.26 6.63
C ARG B 48 16.92 9.87 5.85
N ASP B 49 17.30 9.20 4.75
CA ASP B 49 18.47 9.67 4.03
C ASP B 49 18.15 10.93 3.25
N LEU B 50 16.97 10.98 2.63
CA LEU B 50 16.59 12.15 1.83
C LEU B 50 16.33 13.35 2.73
N LYS B 51 15.73 13.14 3.91
CA LYS B 51 15.55 14.25 4.84
C LYS B 51 16.89 14.79 5.33
N ALA B 52 17.85 13.90 5.55
CA ALA B 52 19.19 14.33 5.96
C ALA B 52 19.85 15.17 4.88
N LEU B 53 19.66 14.81 3.62
CA LEU B 53 20.21 15.60 2.51
C LEU B 53 19.56 16.94 2.37
N TYR B 54 18.22 16.98 2.55
CA TYR B 54 17.40 18.19 2.22
C TYR B 54 16.48 18.58 3.43
N PRO B 55 17.10 18.89 4.58
CA PRO B 55 16.35 19.04 5.84
C PRO B 55 15.45 20.27 5.79
N HIS B 56 15.74 21.18 4.86
CA HIS B 56 14.88 22.38 4.71
C HIS B 56 13.64 22.17 3.84
N LYS B 57 13.56 21.01 3.20
CA LYS B 57 12.47 20.70 2.30
C LYS B 57 11.42 19.84 3.02
N ILE B 58 10.20 19.88 2.47
CA ILE B 58 9.12 19.00 2.91
C ILE B 58 9.46 17.63 2.27
N VAL B 59 9.55 16.58 3.08
CA VAL B 59 9.71 15.18 2.58
C VAL B 59 8.45 14.40 2.86
N LEU B 60 7.86 13.91 1.78
CA LEU B 60 6.58 13.19 1.78
C LEU B 60 6.85 11.68 1.56
N ALA B 61 6.44 10.82 2.49
CA ALA B 61 6.57 9.39 2.25
C ALA B 61 5.29 8.82 1.67
N ASP B 62 5.33 8.45 0.42
CA ASP B 62 4.14 7.91 -0.26
C ASP B 62 3.94 6.42 0.02
N ALA B 63 3.70 6.12 1.31
CA ALA B 63 3.60 4.78 1.79
C ALA B 63 2.27 4.10 1.51
N LYS B 64 1.25 4.88 1.22
CA LYS B 64 -0.06 4.32 0.91
C LYS B 64 -0.57 3.35 2.01
N ILE B 65 -0.46 3.83 3.23
CA ILE B 65 -0.81 3.03 4.42
C ILE B 65 -2.26 2.56 4.26
N ALA B 66 -2.46 1.24 4.38
CA ALA B 66 -3.77 0.63 4.22
C ALA B 66 -4.32 0.00 5.55
N ASP B 67 -3.46 -0.11 6.56
CA ASP B 67 -3.75 -0.81 7.84
C ASP B 67 -2.59 -0.57 8.76
N ALA B 68 -2.76 -0.87 10.05
CA ALA B 68 -1.72 -0.63 11.05
C ALA B 68 -1.18 0.77 10.98
N GLY B 69 -2.14 1.70 10.96
CA GLY B 69 -1.88 3.13 10.74
C GLY B 69 -0.92 3.71 11.74
N LYS B 70 -1.02 3.32 13.01
CA LYS B 70 -0.08 3.85 14.00
C LYS B 70 1.36 3.37 13.80
N ILE B 71 1.50 2.06 13.58
CA ILE B 71 2.81 1.44 13.43
C ILE B 71 3.49 1.94 12.18
N LEU B 72 2.82 1.91 11.03
CA LEU B 72 3.42 2.38 9.78
C LEU B 72 3.72 3.87 9.76
N SER B 73 2.83 4.70 10.29
CA SER B 73 3.09 6.13 10.35
C SER B 73 4.26 6.42 11.24
N ARG B 74 4.30 5.80 12.44
CA ARG B 74 5.40 5.99 13.32
C ARG B 74 6.76 5.65 12.68
N MET B 75 6.80 4.61 11.86
CA MET B 75 8.04 4.26 11.22
C MET B 75 8.48 5.35 10.30
N CYS B 76 7.55 5.86 9.51
CA CYS B 76 7.85 7.00 8.62
C CYS B 76 8.24 8.27 9.33
N PHE B 77 7.52 8.59 10.41
CA PHE B 77 7.85 9.79 11.14
C PHE B 77 9.13 9.73 11.94
N GLU B 78 9.45 8.57 12.52
CA GLU B 78 10.71 8.31 13.16
C GLU B 78 11.88 8.44 12.22
N ALA B 79 11.58 8.18 10.93
CA ALA B 79 12.53 8.41 9.83
C ALA B 79 12.57 9.82 9.29
N ASN B 80 11.91 10.74 9.98
CA ASN B 80 11.91 12.18 9.75
C ASN B 80 11.08 12.64 8.55
N ALA B 81 10.08 11.83 8.14
CA ALA B 81 9.06 12.29 7.23
C ALA B 81 8.32 13.50 7.75
N ASP B 82 7.97 14.41 6.86
CA ASP B 82 7.02 15.47 7.17
C ASP B 82 5.57 15.05 6.94
N TRP B 83 5.27 14.42 5.81
CA TRP B 83 3.95 14.01 5.46
C TRP B 83 3.96 12.53 5.09
N VAL B 84 2.81 11.86 5.25
CA VAL B 84 2.67 10.44 4.85
C VAL B 84 1.33 10.29 4.26
N THR B 85 1.20 9.35 3.34
CA THR B 85 -0.05 9.01 2.70
C THR B 85 -0.73 7.76 3.24
N VAL B 86 -2.06 7.85 3.32
CA VAL B 86 -2.95 6.75 3.75
C VAL B 86 -3.95 6.60 2.60
N ILE B 87 -4.14 5.39 2.15
CA ILE B 87 -5.06 5.15 1.04
C ILE B 87 -6.51 5.22 1.51
N CYS B 88 -7.38 5.68 0.62
CA CYS B 88 -8.76 5.95 0.98
C CYS B 88 -9.54 4.69 1.36
N CYS B 89 -9.17 3.51 0.90
CA CYS B 89 -9.92 2.30 1.25
C CYS B 89 -9.52 1.75 2.62
N ALA B 90 -8.64 2.47 3.35
CA ALA B 90 -8.28 2.09 4.73
C ALA B 90 -9.43 2.40 5.67
N ASP B 91 -9.53 1.61 6.73
CA ASP B 91 -10.42 1.97 7.85
C ASP B 91 -10.23 3.39 8.34
N ILE B 92 -11.30 4.10 8.66
CA ILE B 92 -11.16 5.44 9.19
C ILE B 92 -10.26 5.49 10.42
N ASN B 93 -10.17 4.38 11.17
CA ASN B 93 -9.28 4.39 12.34
C ASN B 93 -7.81 4.26 11.96
N THR B 94 -7.57 3.68 10.79
CA THR B 94 -6.22 3.70 10.20
C THR B 94 -5.81 5.13 9.93
N ALA B 95 -6.66 5.94 9.30
CA ALA B 95 -6.32 7.34 9.08
C ALA B 95 -6.17 8.11 10.40
N LYS B 96 -7.12 7.91 11.33
CA LYS B 96 -7.01 8.56 12.59
C LYS B 96 -5.75 8.23 13.35
N GLY B 97 -5.35 6.97 13.29
CA GLY B 97 -4.20 6.53 14.03
C GLY B 97 -2.95 7.13 13.44
N ALA B 98 -2.90 7.16 12.10
CA ALA B 98 -1.77 7.81 11.42
C ALA B 98 -1.72 9.32 11.75
N LEU B 99 -2.87 10.00 11.77
CA LEU B 99 -2.89 11.43 12.18
C LEU B 99 -2.42 11.71 13.58
N ASP B 100 -2.81 10.88 14.56
CA ASP B 100 -2.40 11.06 15.92
C ASP B 100 -0.90 11.01 16.06
N VAL B 101 -0.27 10.04 15.36
CA VAL B 101 1.19 9.95 15.35
C VAL B 101 1.76 11.17 14.65
N ALA B 102 1.22 11.53 13.49
CA ALA B 102 1.71 12.70 12.75
C ALA B 102 1.79 13.94 13.62
N LYS B 103 0.73 14.13 14.38
CA LYS B 103 0.69 15.31 15.25
C LYS B 103 1.79 15.30 16.31
N GLU B 104 2.21 14.12 16.82
CA GLU B 104 3.37 14.03 17.71
C GLU B 104 4.64 14.55 17.11
N PHE B 105 4.73 14.46 15.77
CA PHE B 105 5.98 14.76 15.07
C PHE B 105 5.92 16.06 14.26
N ASN B 106 4.90 16.87 14.54
CA ASN B 106 4.65 18.11 13.79
C ASN B 106 4.46 17.84 12.29
N GLY B 107 3.90 16.68 11.93
CA GLY B 107 3.69 16.28 10.54
C GLY B 107 2.24 16.28 10.13
N ASP B 108 1.94 15.63 9.02
CA ASP B 108 0.62 15.62 8.47
C ASP B 108 0.38 14.37 7.64
N VAL B 109 -0.89 14.06 7.43
CA VAL B 109 -1.34 12.90 6.68
C VAL B 109 -2.18 13.37 5.51
N GLN B 110 -1.97 12.75 4.35
CA GLN B 110 -2.84 12.88 3.22
C GLN B 110 -3.59 11.60 2.92
N ILE B 111 -4.85 11.71 2.50
CA ILE B 111 -5.61 10.60 1.96
C ILE B 111 -5.44 10.52 0.46
N GLU B 112 -4.96 9.39 0.00
CA GLU B 112 -4.89 9.17 -1.40
C GLU B 112 -6.25 8.75 -1.96
N LEU B 113 -6.79 9.60 -2.84
CA LEU B 113 -8.08 9.36 -3.50
C LEU B 113 -7.90 8.70 -4.82
N THR B 114 -8.34 7.47 -4.88
CA THR B 114 -8.34 6.70 -6.09
C THR B 114 -9.51 5.68 -6.14
N GLY B 115 -9.92 5.31 -7.36
CA GLY B 115 -11.01 4.37 -7.53
C GLY B 115 -12.25 4.81 -6.79
N TYR B 116 -12.86 3.90 -6.04
CA TYR B 116 -14.14 4.22 -5.39
C TYR B 116 -13.96 4.86 -4.01
N TRP B 117 -14.62 5.99 -3.80
CA TRP B 117 -14.67 6.63 -2.51
C TRP B 117 -15.96 7.44 -2.47
N THR B 118 -16.36 8.00 -1.34
CA THR B 118 -17.64 8.69 -1.29
C THR B 118 -17.52 10.00 -0.58
N TRP B 119 -18.51 10.86 -0.80
CA TRP B 119 -18.51 12.15 -0.10
C TRP B 119 -18.80 11.99 1.36
N GLU B 120 -19.37 10.83 1.75
CA GLU B 120 -19.52 10.49 3.17
C GLU B 120 -18.14 10.27 3.84
N GLN B 121 -17.32 9.47 3.18
CA GLN B 121 -15.92 9.30 3.56
C GLN B 121 -15.21 10.61 3.70
N ALA B 122 -15.45 11.53 2.75
CA ALA B 122 -14.74 12.78 2.77
C ALA B 122 -15.11 13.57 3.97
N GLN B 123 -16.41 13.55 4.34
CA GLN B 123 -16.84 14.21 5.55
C GLN B 123 -16.19 13.57 6.76
N GLN B 124 -16.11 12.26 6.77
CA GLN B 124 -15.39 11.52 7.83
C GLN B 124 -13.95 12.01 8.01
N TRP B 125 -13.23 12.17 6.89
CA TRP B 125 -11.83 12.63 6.93
C TRP B 125 -11.76 14.01 7.46
N ARG B 126 -12.59 14.95 6.93
CA ARG B 126 -12.62 16.30 7.49
C ARG B 126 -12.92 16.25 8.99
N ASP B 127 -13.89 15.43 9.39
CA ASP B 127 -14.31 15.34 10.81
C ASP B 127 -13.17 14.85 11.71
N ALA B 128 -12.33 13.98 11.18
CA ALA B 128 -11.14 13.49 11.89
C ALA B 128 -9.98 14.47 11.98
N GLY B 129 -10.02 15.54 11.17
CA GLY B 129 -9.02 16.56 11.17
C GLY B 129 -8.01 16.39 10.03
N ILE B 130 -8.35 15.58 9.02
CA ILE B 130 -7.53 15.41 7.81
C ILE B 130 -7.78 16.63 6.94
N GLY B 131 -6.71 17.34 6.56
CA GLY B 131 -6.80 18.55 5.76
C GLY B 131 -6.19 18.46 4.35
N GLN B 132 -5.77 17.27 3.92
CA GLN B 132 -5.13 17.06 2.61
C GLN B 132 -5.61 15.79 1.98
N VAL B 133 -5.93 15.83 0.70
CA VAL B 133 -6.17 14.67 -0.11
C VAL B 133 -5.38 14.78 -1.41
N VAL B 134 -5.06 13.63 -1.97
CA VAL B 134 -4.37 13.51 -3.25
C VAL B 134 -5.35 12.95 -4.27
N TYR B 135 -5.72 13.79 -5.24
CA TYR B 135 -6.52 13.34 -6.36
C TYR B 135 -5.62 12.62 -7.33
N HIS B 136 -5.63 11.30 -7.26
CA HIS B 136 -4.49 10.44 -7.64
C HIS B 136 -4.95 9.52 -8.75
N ARG B 137 -4.75 9.93 -10.00
CA ARG B 137 -5.06 9.11 -11.17
C ARG B 137 -4.09 7.95 -11.26
N SER B 138 -4.62 6.75 -11.44
CA SER B 138 -3.77 5.57 -11.55
C SER B 138 -2.99 5.55 -12.86
N ARG B 139 -1.70 5.22 -12.82
CA ARG B 139 -0.96 5.05 -14.09
C ARG B 139 -1.39 3.84 -14.89
N ASP B 140 -2.02 2.88 -14.20
CA ASP B 140 -2.49 1.67 -14.90
C ASP B 140 -3.82 1.87 -15.64
N ALA B 141 -4.60 2.82 -15.18
CA ALA B 141 -5.81 3.23 -15.90
C ALA B 141 -5.35 4.15 -17.02
N GLN B 142 -4.39 5.06 -16.71
CA GLN B 142 -3.80 5.99 -17.68
C GLN B 142 -3.17 5.26 -18.86
N ALA B 143 -2.48 4.14 -18.56
CA ALA B 143 -1.95 3.20 -19.56
C ALA B 143 -3.06 2.59 -20.45
N ALA B 144 -4.25 2.46 -19.86
CA ALA B 144 -5.48 2.04 -20.55
C ALA B 144 -6.26 3.19 -21.23
N GLY B 145 -5.75 4.43 -21.14
CA GLY B 145 -6.24 5.56 -21.93
C GLY B 145 -7.27 6.45 -21.25
N VAL B 146 -7.01 6.82 -20.00
CA VAL B 146 -7.98 7.53 -19.15
C VAL B 146 -7.48 8.97 -18.88
N ALA B 147 -8.30 9.97 -19.22
CA ALA B 147 -7.85 11.36 -19.42
C ALA B 147 -8.57 12.36 -18.53
N TRP B 148 -7.95 13.52 -18.28
CA TRP B 148 -8.55 14.50 -17.38
C TRP B 148 -9.80 15.14 -18.04
N GLY B 149 -10.91 15.18 -17.29
CA GLY B 149 -12.19 15.65 -17.78
C GLY B 149 -12.96 16.46 -16.75
N GLU B 150 -14.23 16.79 -17.06
CA GLU B 150 -15.02 17.66 -16.18
C GLU B 150 -15.37 16.97 -14.88
N ALA B 151 -15.52 15.65 -14.92
CA ALA B 151 -15.83 14.93 -13.69
C ALA B 151 -14.72 15.24 -12.67
N ASP B 152 -13.46 15.16 -13.12
CA ASP B 152 -12.31 15.44 -12.22
C ASP B 152 -12.34 16.85 -11.68
N ILE B 153 -12.62 17.81 -12.56
CA ILE B 153 -12.69 19.19 -12.14
C ILE B 153 -13.75 19.42 -11.06
N THR B 154 -14.96 18.90 -11.31
CA THR B 154 -16.09 18.96 -10.37
C THR B 154 -15.70 18.43 -9.01
N ALA B 155 -15.18 17.21 -9.00
CA ALA B 155 -14.72 16.58 -7.72
C ALA B 155 -13.65 17.39 -7.00
N ILE B 156 -12.67 17.91 -7.74
CA ILE B 156 -11.59 18.64 -7.12
C ILE B 156 -12.10 19.91 -6.51
N LYS B 157 -13.01 20.60 -7.22
CA LYS B 157 -13.56 21.81 -6.67
C LYS B 157 -14.39 21.47 -5.42
N ARG B 158 -15.09 20.36 -5.43
CA ARG B 158 -15.94 19.98 -4.27
C ARG B 158 -15.08 19.64 -3.02
N LEU B 159 -14.00 18.89 -3.22
CA LEU B 159 -13.04 18.61 -2.14
C LEU B 159 -12.41 19.88 -1.60
N SER B 160 -12.03 20.77 -2.49
CA SER B 160 -11.51 22.05 -2.05
C SER B 160 -12.51 22.84 -1.20
N ASP B 161 -13.78 22.77 -1.60
CA ASP B 161 -14.79 23.57 -0.90
C ASP B 161 -14.97 23.02 0.52
N MET B 162 -14.91 21.69 0.65
CA MET B 162 -15.03 20.96 1.95
C MET B 162 -13.91 21.27 2.92
N GLY B 163 -12.86 21.96 2.47
CA GLY B 163 -11.80 22.38 3.34
C GLY B 163 -10.47 21.65 3.11
N PHE B 164 -10.43 20.66 2.20
CA PHE B 164 -9.16 20.00 1.87
C PHE B 164 -8.28 20.82 0.98
N LYS B 165 -6.98 20.68 1.20
CA LYS B 165 -5.93 21.06 0.23
C LYS B 165 -5.72 19.88 -0.71
N VAL B 166 -5.96 20.09 -2.02
CA VAL B 166 -5.99 19.06 -3.01
C VAL B 166 -4.66 19.03 -3.79
N THR B 167 -4.08 17.84 -3.82
CA THR B 167 -2.94 17.55 -4.70
C THR B 167 -3.43 16.83 -5.91
N VAL B 168 -2.92 17.25 -7.07
CA VAL B 168 -3.27 16.58 -8.31
C VAL B 168 -2.04 15.85 -8.85
N THR B 169 -2.24 14.62 -9.26
CA THR B 169 -1.19 13.73 -9.75
C THR B 169 -1.69 12.55 -10.54
N GLY B 170 -0.77 11.99 -11.33
CA GLY B 170 -0.89 10.69 -11.95
C GLY B 170 -0.66 10.88 -13.42
N GLY B 171 0.60 10.71 -13.85
CA GLY B 171 0.99 10.90 -15.25
C GLY B 171 0.77 12.30 -15.72
N LEU B 172 0.96 13.27 -14.84
CA LEU B 172 0.81 14.65 -15.21
C LEU B 172 1.85 15.12 -16.21
N ALA B 173 1.38 15.73 -17.30
CA ALA B 173 2.21 16.33 -18.33
C ALA B 173 2.05 17.86 -18.22
N LEU B 174 3.06 18.58 -18.70
CA LEU B 174 3.01 20.05 -18.71
C LEU B 174 1.71 20.57 -19.36
N GLU B 175 1.34 19.97 -20.49
CA GLU B 175 0.13 20.40 -21.21
C GLU B 175 -1.17 20.17 -20.46
N ASP B 176 -1.15 19.37 -19.40
CA ASP B 176 -2.35 19.21 -18.57
C ASP B 176 -2.65 20.34 -17.68
N LEU B 177 -1.67 21.15 -17.29
CA LEU B 177 -1.93 22.18 -16.30
C LEU B 177 -3.11 23.12 -16.58
N PRO B 178 -3.26 23.62 -17.82
CA PRO B 178 -4.31 24.61 -18.06
C PRO B 178 -5.74 24.11 -17.78
N LEU B 179 -5.94 22.82 -17.84
CA LEU B 179 -7.23 22.20 -17.50
C LEU B 179 -7.66 22.59 -16.08
N PHE B 180 -6.70 22.85 -15.17
CA PHE B 180 -6.99 23.13 -13.77
C PHE B 180 -6.95 24.58 -13.41
N LYS B 181 -6.76 25.45 -14.41
CA LYS B 181 -6.77 26.87 -14.15
C LYS B 181 -8.02 27.29 -13.35
N GLY B 182 -7.85 28.19 -12.40
CA GLY B 182 -8.99 28.72 -11.70
C GLY B 182 -9.39 27.90 -10.48
N ILE B 183 -8.69 26.79 -10.26
CA ILE B 183 -8.93 25.94 -9.08
C ILE B 183 -7.75 26.15 -8.15
N PRO B 184 -7.98 26.33 -6.85
CA PRO B 184 -6.89 26.54 -5.90
C PRO B 184 -6.09 25.23 -5.54
N ILE B 185 -5.51 24.60 -6.54
CA ILE B 185 -4.69 23.40 -6.35
C ILE B 185 -3.54 23.65 -5.38
N HIS B 186 -3.36 22.75 -4.41
CA HIS B 186 -2.32 22.94 -3.44
C HIS B 186 -0.91 22.60 -3.99
N VAL B 187 -0.89 21.46 -4.65
CA VAL B 187 0.35 20.79 -5.12
C VAL B 187 0.01 20.00 -6.42
N PHE B 188 0.94 20.11 -7.41
CA PHE B 188 1.00 19.29 -8.56
C PHE B 188 2.22 18.39 -8.36
N ILE B 189 2.05 17.09 -8.59
CA ILE B 189 3.16 16.12 -8.51
C ILE B 189 3.55 15.75 -9.93
N ALA B 190 4.82 15.80 -10.23
CA ALA B 190 5.35 15.20 -11.46
C ALA B 190 6.49 14.20 -11.10
N GLY B 191 6.34 12.96 -11.56
CA GLY B 191 7.37 11.96 -11.45
C GLY B 191 8.06 11.79 -12.77
N ARG B 192 7.51 10.95 -13.63
CA ARG B 192 8.13 10.64 -14.88
C ARG B 192 8.38 11.89 -15.74
N SER B 193 7.46 12.80 -15.76
CA SER B 193 7.66 13.97 -16.67
C SER B 193 8.83 14.89 -16.28
N ILE B 194 9.28 14.79 -15.02
CA ILE B 194 10.57 15.37 -14.59
C ILE B 194 11.74 14.41 -14.70
N ARG B 195 11.66 13.26 -14.05
CA ARG B 195 12.79 12.40 -13.91
C ARG B 195 13.33 11.93 -15.26
N ASP B 196 12.42 11.66 -16.20
CA ASP B 196 12.77 11.05 -17.47
C ASP B 196 12.96 12.05 -18.60
N ALA B 197 12.84 13.33 -18.29
CA ALA B 197 13.11 14.35 -19.28
C ALA B 197 14.56 14.40 -19.66
N ALA B 198 14.82 14.90 -20.87
CA ALA B 198 16.23 15.11 -21.28
C ALA B 198 17.03 15.98 -20.32
N SER B 199 16.37 17.05 -19.84
CA SER B 199 16.84 17.94 -18.77
C SER B 199 15.79 17.99 -17.67
N PRO B 200 15.97 17.23 -16.62
CA PRO B 200 15.05 17.36 -15.50
C PRO B 200 14.96 18.81 -14.93
N VAL B 201 16.10 19.53 -14.91
CA VAL B 201 16.08 20.90 -14.44
C VAL B 201 15.14 21.74 -15.28
N GLU B 202 15.29 21.70 -16.61
CA GLU B 202 14.42 22.49 -17.47
C GLU B 202 12.95 22.02 -17.39
N ALA B 203 12.69 20.73 -17.24
CA ALA B 203 11.34 20.19 -17.10
C ALA B 203 10.68 20.80 -15.82
N ALA B 204 11.41 20.77 -14.71
CA ALA B 204 10.89 21.38 -13.49
C ALA B 204 10.64 22.87 -13.66
N ARG B 205 11.62 23.59 -14.21
CA ARG B 205 11.48 24.98 -14.48
C ARG B 205 10.27 25.30 -15.39
N GLN B 206 9.98 24.49 -16.40
CA GLN B 206 8.81 24.67 -17.25
C GLN B 206 7.49 24.52 -16.51
N PHE B 207 7.42 23.50 -15.63
CA PHE B 207 6.28 23.36 -14.79
C PHE B 207 6.12 24.64 -13.95
N LYS B 208 7.19 25.15 -13.36
CA LYS B 208 7.13 26.31 -12.48
C LYS B 208 6.70 27.54 -13.30
N ARG B 209 7.24 27.75 -14.50
CA ARG B 209 6.83 28.92 -15.28
C ARG B 209 5.36 28.85 -15.68
N SER B 210 4.89 27.68 -16.05
CA SER B 210 3.53 27.52 -16.49
C SER B 210 2.59 27.79 -15.31
N ILE B 211 2.91 27.23 -14.15
CA ILE B 211 2.12 27.46 -12.96
C ILE B 211 2.05 28.95 -12.62
N ALA B 212 3.19 29.64 -12.66
CA ALA B 212 3.29 31.07 -12.35
C ALA B 212 2.45 31.89 -13.34
N GLU B 213 2.36 31.43 -14.59
CA GLU B 213 1.50 32.09 -15.55
C GLU B 213 0.00 31.81 -15.28
N LEU B 214 -0.37 30.55 -15.14
CA LEU B 214 -1.77 30.12 -15.02
C LEU B 214 -2.43 30.57 -13.72
N TRP B 215 -1.63 30.74 -12.68
CA TRP B 215 -2.12 31.20 -11.37
C TRP B 215 -1.45 32.53 -11.05
MG MG C . 0.02 -8.89 6.24
O8 LXP D . -3.29 -9.65 12.57
P LXP D . -2.12 -10.57 12.73
O6 LXP D . -1.14 -9.98 13.69
O7 LXP D . -2.48 -12.03 12.87
O5 LXP D . -1.29 -10.48 11.31
C5 LXP D . -1.84 -10.93 10.08
C4 LXP D . -2.40 -9.77 9.33
O4 LXP D . -2.87 -10.35 8.11
C3 LXP D . -1.36 -8.69 9.06
O3 LXP D . -0.24 -9.22 8.36
C2 LXP D . -1.98 -7.55 8.19
O2 LXP D . -1.81 -7.82 6.76
C1 LXP D . -1.47 -6.19 8.63
O1 LXP D . -1.82 -5.14 7.69
MG MG E . 3.55 8.58 -5.46
O8 LXP F . 2.68 9.54 -12.51
P LXP F . 4.05 10.17 -12.22
O6 LXP F . 5.19 9.51 -12.89
O7 LXP F . 3.99 11.68 -12.48
O5 LXP F . 4.34 10.02 -10.61
C5 LXP F . 3.55 10.61 -9.62
C4 LXP F . 2.49 9.66 -9.03
O4 LXP F . 1.70 10.38 -8.07
C3 LXP F . 3.18 8.41 -8.49
O3 LXP F . 4.12 8.75 -7.46
C2 LXP F . 2.10 7.44 -7.92
O2 LXP F . 1.88 7.75 -6.54
C1 LXP F . 2.55 6.01 -8.09
O1 LXP F . 1.62 5.16 -7.38
#